data_4EAB
#
_entry.id   4EAB
#
_cell.length_a   114.968
_cell.length_b   114.968
_cell.length_c   114.968
_cell.angle_alpha   90.00
_cell.angle_beta   90.00
_cell.angle_gamma   90.00
#
_symmetry.space_group_name_H-M   'I 2 3'
#
loop_
_entity.id
_entity.type
_entity.pdbx_description
1 polymer 'Perosamine N-acetyltransferase'
2 non-polymer GDP-perosamine
3 non-polymer 'COENZYME A'
4 non-polymer 'SODIUM ION'
5 non-polymer 'CHLORIDE ION'
6 water water
#
_entity_poly.entity_id   1
_entity_poly.type   'polypeptide(L)'
_entity_poly.pdbx_seq_one_letter_code
;GHMGAASASLAIGGVVIIGGGGHAKVVIESLRACGETVAAIVDADPTRRAVLGVPVVGDDLALPMLREQGLSRLFVAIGD
NRLRQKLGRKARDHGFSLVNAIHPSAVVSPSVRLGEGVAVMAGVAINADSWIGDLAIINTGAVVDADCRLGAACHLGPAS
ALAGGVSVGERAFLGVGARVIPGVTIGADTIVGAGGVVVRDLPDSVLAIGVPAKIKGDRS
;
_entity_poly.pdbx_strand_id   A
#
loop_
_chem_comp.id
_chem_comp.type
_chem_comp.name
_chem_comp.formula
CL non-polymer 'CHLORIDE ION' 'Cl -1'
COA non-polymer 'COENZYME A' 'C21 H36 N7 O16 P3 S'
JB2 non-polymer GDP-perosamine 'C16 H26 N6 O14 P2'
NA non-polymer 'SODIUM ION' 'Na 1'
#
# COMPACT_ATOMS: atom_id res chain seq x y z
N ALA A 8 19.31 -9.95 -16.77
CA ALA A 8 18.84 -8.53 -16.90
C ALA A 8 18.40 -8.23 -18.33
N SER A 9 18.13 -9.28 -19.09
CA SER A 9 17.45 -9.12 -20.36
C SER A 9 15.94 -9.02 -20.05
N LEU A 10 15.36 -7.85 -20.33
CA LEU A 10 13.95 -7.62 -20.01
C LEU A 10 13.25 -7.20 -21.30
N ALA A 11 11.93 -7.37 -21.37
CA ALA A 11 11.08 -6.60 -22.28
C ALA A 11 10.81 -5.16 -21.79
N ILE A 12 10.72 -4.24 -22.75
CA ILE A 12 10.46 -2.81 -22.45
C ILE A 12 9.02 -2.56 -22.01
N GLY A 13 8.80 -1.59 -21.13
CA GLY A 13 7.50 -0.90 -20.98
C GLY A 13 6.75 -1.16 -19.68
N GLY A 14 7.19 -2.21 -19.00
CA GLY A 14 6.53 -2.79 -17.85
C GLY A 14 6.92 -2.14 -16.53
N VAL A 15 6.38 -2.72 -15.47
CA VAL A 15 6.53 -2.15 -14.12
C VAL A 15 7.60 -2.84 -13.31
N VAL A 16 8.49 -2.07 -12.69
CA VAL A 16 9.46 -2.67 -11.81
C VAL A 16 8.83 -2.74 -10.40
N ILE A 17 9.08 -3.84 -9.70
N ILE A 17 9.07 -3.83 -9.68
CA ILE A 17 8.54 -4.03 -8.34
CA ILE A 17 8.49 -3.93 -8.34
C ILE A 17 9.71 -3.99 -7.36
C ILE A 17 9.62 -4.03 -7.33
N ILE A 18 9.61 -3.16 -6.32
CA ILE A 18 10.53 -3.30 -5.17
C ILE A 18 9.82 -4.19 -4.16
N GLY A 19 10.44 -5.34 -3.85
CA GLY A 19 9.91 -6.33 -2.92
C GLY A 19 9.40 -7.56 -3.65
N GLY A 20 9.70 -8.70 -3.05
CA GLY A 20 9.39 -9.99 -3.68
C GLY A 20 8.72 -10.96 -2.72
N GLY A 21 7.96 -10.45 -1.76
CA GLY A 21 7.25 -11.25 -0.77
C GLY A 21 5.79 -11.53 -1.12
N GLY A 22 5.03 -11.91 -0.10
CA GLY A 22 3.61 -12.21 -0.25
C GLY A 22 2.80 -11.00 -0.71
N HIS A 23 3.21 -9.82 -0.22
CA HIS A 23 2.51 -8.62 -0.68
C HIS A 23 2.79 -8.39 -2.18
N ALA A 24 4.06 -8.54 -2.57
CA ALA A 24 4.34 -8.46 -4.00
C ALA A 24 3.50 -9.41 -4.82
N LYS A 25 3.28 -10.65 -4.41
CA LYS A 25 2.47 -11.59 -5.21
CA LYS A 25 2.50 -11.56 -5.27
C LYS A 25 1.11 -10.99 -5.54
N VAL A 26 0.51 -10.42 -4.50
CA VAL A 26 -0.85 -9.88 -4.65
C VAL A 26 -0.83 -8.64 -5.55
N VAL A 27 0.16 -7.78 -5.37
CA VAL A 27 0.29 -6.62 -6.26
C VAL A 27 0.52 -7.02 -7.71
N ILE A 28 1.39 -8.00 -7.91
CA ILE A 28 1.66 -8.48 -9.27
C ILE A 28 0.35 -8.90 -9.94
N GLU A 29 -0.44 -9.64 -9.18
CA GLU A 29 -1.69 -10.14 -9.77
C GLU A 29 -2.71 -9.00 -9.96
N SER A 30 -2.72 -7.95 -9.15
CA SER A 30 -3.55 -6.78 -9.43
C SER A 30 -3.13 -6.10 -10.72
N LEU A 31 -1.82 -5.90 -10.88
CA LEU A 31 -1.32 -5.26 -12.10
C LEU A 31 -1.65 -6.10 -13.32
N ARG A 32 -1.39 -7.40 -13.27
CA ARG A 32 -1.72 -8.23 -14.44
C ARG A 32 -3.22 -8.29 -14.74
N ALA A 33 -4.05 -8.27 -13.71
CA ALA A 33 -5.51 -8.21 -13.94
C ALA A 33 -5.95 -6.96 -14.69
N CYS A 34 -5.13 -5.91 -14.63
CA CYS A 34 -5.38 -4.66 -15.33
C CYS A 34 -4.73 -4.65 -16.70
N GLY A 35 -4.03 -5.72 -17.06
CA GLY A 35 -3.39 -5.75 -18.37
C GLY A 35 -1.98 -5.18 -18.39
N GLU A 36 -1.45 -4.82 -17.22
CA GLU A 36 -0.08 -4.33 -17.16
C GLU A 36 0.90 -5.50 -17.18
N THR A 37 2.14 -5.24 -17.58
CA THR A 37 3.22 -6.22 -17.57
CA THR A 37 3.16 -6.26 -17.49
C THR A 37 4.16 -5.84 -16.43
N VAL A 38 4.60 -6.83 -15.67
CA VAL A 38 5.56 -6.61 -14.61
C VAL A 38 6.91 -7.02 -15.15
N ALA A 39 7.87 -6.10 -15.13
CA ALA A 39 9.14 -6.36 -15.82
C ALA A 39 10.12 -7.15 -14.95
N ALA A 40 10.25 -6.80 -13.67
CA ALA A 40 11.34 -7.30 -12.84
C ALA A 40 11.06 -6.98 -11.39
N ILE A 41 11.70 -7.71 -10.49
CA ILE A 41 11.66 -7.44 -9.08
C ILE A 41 13.08 -7.11 -8.65
N VAL A 42 13.22 -6.13 -7.74
CA VAL A 42 14.42 -5.96 -6.95
C VAL A 42 14.10 -6.32 -5.51
N ASP A 43 14.95 -7.14 -4.90
CA ASP A 43 14.71 -7.64 -3.55
C ASP A 43 16.01 -7.67 -2.77
N ALA A 44 15.94 -7.32 -1.49
CA ALA A 44 17.14 -7.23 -0.63
C ALA A 44 17.83 -8.58 -0.53
N ASP A 45 17.09 -9.65 -0.79
CA ASP A 45 17.77 -10.91 -1.05
C ASP A 45 17.97 -11.11 -2.55
N PRO A 46 19.15 -10.77 -3.10
CA PRO A 46 19.25 -10.65 -4.56
C PRO A 46 19.28 -12.01 -5.27
N THR A 47 19.31 -13.10 -4.50
CA THR A 47 19.42 -14.47 -5.02
C THR A 47 18.51 -14.60 -6.27
N ARG A 49 16.02 -15.80 -8.68
CA ARG A 49 14.74 -16.47 -8.58
C ARG A 49 13.64 -15.66 -9.25
N ALA A 50 12.41 -16.02 -8.90
CA ALA A 50 11.25 -15.41 -9.57
C ALA A 50 10.14 -15.38 -8.55
N VAL A 51 9.24 -14.42 -8.76
CA VAL A 51 8.02 -14.36 -7.95
C VAL A 51 6.88 -14.39 -8.96
N LEU A 52 6.04 -15.42 -8.92
CA LEU A 52 4.96 -15.54 -9.89
C LEU A 52 5.42 -15.33 -11.31
N GLY A 53 6.61 -15.84 -11.61
CA GLY A 53 7.10 -15.71 -13.00
C GLY A 53 7.85 -14.41 -13.31
N VAL A 54 7.94 -13.48 -12.36
CA VAL A 54 8.68 -12.24 -12.55
C VAL A 54 10.09 -12.45 -12.02
N PRO A 55 11.10 -12.18 -12.87
CA PRO A 55 12.48 -12.38 -12.42
C PRO A 55 12.96 -11.40 -11.35
N VAL A 56 13.61 -11.94 -10.35
CA VAL A 56 14.38 -11.13 -9.41
C VAL A 56 15.73 -10.82 -10.04
N VAL A 57 15.97 -9.54 -10.35
CA VAL A 57 17.18 -9.12 -11.10
C VAL A 57 18.30 -8.61 -10.22
N GLY A 58 18.08 -8.45 -8.92
CA GLY A 58 19.11 -7.86 -8.08
C GLY A 58 18.45 -7.23 -6.86
N ASP A 59 19.23 -6.49 -6.10
CA ASP A 59 18.73 -5.70 -4.99
C ASP A 59 18.56 -4.25 -5.43
N ASP A 60 18.37 -3.35 -4.47
CA ASP A 60 18.08 -1.97 -4.87
C ASP A 60 19.21 -1.27 -5.64
N LEU A 61 20.40 -1.85 -5.61
CA LEU A 61 21.52 -1.36 -6.42
C LEU A 61 21.27 -1.56 -7.90
N ALA A 62 20.31 -2.41 -8.28
CA ALA A 62 19.96 -2.55 -9.68
C ALA A 62 19.01 -1.46 -10.19
N LEU A 63 18.52 -0.59 -9.32
CA LEU A 63 17.60 0.43 -9.83
C LEU A 63 18.18 1.31 -10.93
N PRO A 64 19.41 1.82 -10.73
CA PRO A 64 19.88 2.67 -11.82
C PRO A 64 20.01 1.98 -13.17
N MET A 65 20.41 0.71 -13.18
CA MET A 65 20.53 -0.10 -14.38
C MET A 65 19.18 -0.26 -15.07
N LEU A 66 18.17 -0.55 -14.25
CA LEU A 66 16.82 -0.69 -14.77
C LEU A 66 16.34 0.60 -15.42
N ARG A 67 16.65 1.75 -14.79
CA ARG A 67 16.19 3.04 -15.35
C ARG A 67 16.89 3.33 -16.68
N GLU A 68 18.19 3.05 -16.70
CA GLU A 68 19.03 3.31 -17.89
C GLU A 68 18.54 2.48 -19.06
N GLN A 69 18.03 1.29 -18.76
CA GLN A 69 17.50 0.45 -19.83
C GLN A 69 16.08 0.78 -20.26
N GLY A 70 15.52 1.86 -19.74
CA GLY A 70 14.30 2.43 -20.33
C GLY A 70 13.07 2.13 -19.48
N LEU A 71 13.27 1.44 -18.36
CA LEU A 71 12.12 1.18 -17.48
C LEU A 71 11.96 2.36 -16.54
N SER A 72 10.73 2.82 -16.38
CA SER A 72 10.49 4.09 -15.70
C SER A 72 9.29 4.05 -14.77
N ARG A 73 8.60 2.91 -14.73
CA ARG A 73 7.39 2.78 -13.88
C ARG A 73 7.71 1.76 -12.79
N LEU A 74 7.25 2.05 -11.58
CA LEU A 74 7.63 1.26 -10.41
C LEU A 74 6.51 1.21 -9.38
N PHE A 75 6.47 0.09 -8.68
CA PHE A 75 5.61 -0.04 -7.51
C PHE A 75 6.41 -0.57 -6.34
N VAL A 76 6.16 -0.03 -5.15
CA VAL A 76 6.85 -0.49 -3.95
C VAL A 76 5.96 -1.47 -3.21
N ALA A 77 6.29 -2.75 -3.31
CA ALA A 77 5.52 -3.84 -2.70
C ALA A 77 6.13 -4.36 -1.43
N ILE A 78 6.17 -3.47 -0.45
CA ILE A 78 6.81 -3.71 0.85
C ILE A 78 5.75 -3.38 1.89
N GLY A 79 5.36 -4.36 2.71
CA GLY A 79 4.32 -4.11 3.74
C GLY A 79 4.70 -3.11 4.83
N ASP A 80 5.97 -3.10 5.25
N ASP A 80 5.96 -3.12 5.26
CA ASP A 80 6.43 -2.24 6.35
CA ASP A 80 6.36 -2.26 6.37
C ASP A 80 6.26 -0.79 5.91
C ASP A 80 6.22 -0.82 5.90
N ASN A 81 5.45 -0.03 6.65
CA ASN A 81 5.06 1.28 6.17
C ASN A 81 6.21 2.30 6.11
N ARG A 82 7.03 2.39 7.15
N ARG A 82 7.00 2.33 7.18
CA ARG A 82 8.14 3.32 7.07
CA ARG A 82 8.19 3.16 7.24
C ARG A 82 9.14 2.92 5.98
C ARG A 82 9.14 2.91 6.07
N LEU A 83 9.43 1.63 5.86
CA LEU A 83 10.37 1.19 4.83
C LEU A 83 9.80 1.47 3.44
N ARG A 84 8.50 1.20 3.26
CA ARG A 84 7.88 1.47 1.97
C ARG A 84 8.04 2.96 1.60
N GLN A 85 7.78 3.84 2.56
CA GLN A 85 7.85 5.29 2.33
C GLN A 85 9.28 5.67 1.89
N LYS A 86 10.28 5.11 2.58
CA LYS A 86 11.68 5.41 2.23
C LYS A 86 12.02 4.92 0.84
N LEU A 87 11.56 3.70 0.53
CA LEU A 87 11.84 3.14 -0.79
C LEU A 87 11.13 3.85 -1.92
N GLY A 88 9.91 4.32 -1.67
CA GLY A 88 9.28 5.17 -2.68
C GLY A 88 10.04 6.44 -2.97
N ARG A 89 10.60 7.05 -1.93
CA ARG A 89 11.40 8.26 -2.21
C ARG A 89 12.68 7.92 -3.00
N LYS A 90 13.31 6.80 -2.65
CA LYS A 90 14.49 6.34 -3.39
C LYS A 90 14.13 6.10 -4.85
N ALA A 91 13.04 5.35 -5.07
CA ALA A 91 12.62 5.11 -6.44
C ALA A 91 12.39 6.41 -7.24
N ARG A 92 11.74 7.39 -6.63
CA ARG A 92 11.53 8.65 -7.33
C ARG A 92 12.84 9.40 -7.57
N ASP A 93 13.74 9.34 -6.61
CA ASP A 93 15.06 9.94 -6.85
C ASP A 93 15.74 9.28 -8.05
N HIS A 94 15.53 7.98 -8.26
CA HIS A 94 16.16 7.31 -9.39
C HIS A 94 15.42 7.47 -10.69
N GLY A 95 14.38 8.29 -10.70
CA GLY A 95 13.72 8.64 -11.93
C GLY A 95 12.54 7.77 -12.30
N PHE A 96 12.07 6.94 -11.34
CA PHE A 96 10.84 6.16 -11.59
C PHE A 96 9.60 6.93 -11.20
N SER A 97 8.55 6.67 -11.97
CA SER A 97 7.20 7.11 -11.59
C SER A 97 6.51 6.01 -10.79
N LEU A 98 5.84 6.39 -9.71
CA LEU A 98 5.17 5.35 -8.91
C LEU A 98 3.74 5.14 -9.42
N VAL A 99 3.47 3.95 -9.93
CA VAL A 99 2.16 3.61 -10.47
C VAL A 99 1.26 3.23 -9.30
N ASN A 100 -0.04 3.09 -9.59
CA ASN A 100 -0.96 2.50 -8.62
C ASN A 100 -1.32 1.10 -9.08
N ALA A 101 -1.56 0.25 -8.11
CA ALA A 101 -1.89 -1.16 -8.37
C ALA A 101 -3.28 -1.40 -7.81
N ILE A 102 -4.31 -1.19 -8.66
CA ILE A 102 -5.71 -1.18 -8.23
C ILE A 102 -6.40 -2.36 -8.91
N HIS A 103 -6.79 -3.35 -8.13
CA HIS A 103 -7.45 -4.52 -8.70
C HIS A 103 -8.72 -4.09 -9.43
N PRO A 104 -9.03 -4.73 -10.58
CA PRO A 104 -10.20 -4.26 -11.33
C PRO A 104 -11.54 -4.45 -10.58
N SER A 105 -11.57 -5.35 -9.60
CA SER A 105 -12.80 -5.53 -8.80
C SER A 105 -13.01 -4.44 -7.75
N ALA A 106 -11.97 -3.65 -7.47
CA ALA A 106 -12.14 -2.54 -6.50
C ALA A 106 -13.07 -1.47 -7.03
N VAL A 107 -13.88 -0.90 -6.15
CA VAL A 107 -14.78 0.17 -6.53
C VAL A 107 -14.21 1.45 -5.97
N VAL A 108 -13.71 2.31 -6.81
CA VAL A 108 -13.14 3.58 -6.35
C VAL A 108 -14.03 4.69 -6.90
N SER A 109 -14.72 5.38 -6.01
CA SER A 109 -15.64 6.44 -6.43
C SER A 109 -14.97 7.49 -7.29
N PRO A 110 -15.72 8.11 -8.22
CA PRO A 110 -15.10 9.10 -9.10
C PRO A 110 -14.69 10.40 -8.42
N SER A 111 -15.12 10.63 -7.17
CA SER A 111 -14.65 11.81 -6.46
C SER A 111 -13.52 11.49 -5.47
N VAL A 112 -13.00 10.26 -5.47
CA VAL A 112 -11.85 9.92 -4.65
C VAL A 112 -10.57 10.56 -5.24
N ARG A 113 -9.75 11.15 -4.40
CA ARG A 113 -8.41 11.65 -4.82
C ARG A 113 -7.39 10.56 -4.49
N LEU A 114 -6.67 10.02 -5.48
CA LEU A 114 -5.67 8.99 -5.22
C LEU A 114 -4.29 9.62 -5.37
N GLY A 115 -3.39 9.29 -4.46
CA GLY A 115 -1.96 9.55 -4.66
C GLY A 115 -1.31 8.60 -5.66
N GLU A 116 -0.02 8.42 -5.48
CA GLU A 116 0.81 7.59 -6.33
C GLU A 116 1.41 6.46 -5.51
N GLY A 117 1.68 5.31 -6.13
CA GLY A 117 2.22 4.16 -5.40
C GLY A 117 1.23 3.48 -4.44
N VAL A 118 -0.06 3.69 -4.68
CA VAL A 118 -1.14 3.20 -3.84
C VAL A 118 -1.51 1.78 -4.27
N ALA A 119 -1.67 0.87 -3.31
CA ALA A 119 -2.24 -0.44 -3.60
C ALA A 119 -3.68 -0.47 -3.18
N VAL A 120 -4.56 -0.90 -4.09
CA VAL A 120 -5.97 -1.08 -3.71
C VAL A 120 -6.35 -2.50 -4.15
N MET A 121 -6.58 -3.39 -3.21
CA MET A 121 -6.75 -4.82 -3.51
C MET A 121 -8.18 -5.17 -3.96
N ALA A 122 -8.31 -6.45 -4.29
CA ALA A 122 -9.61 -6.93 -4.76
C ALA A 122 -10.65 -6.69 -3.67
N GLY A 123 -11.86 -6.35 -4.11
CA GLY A 123 -13.03 -6.28 -3.25
C GLY A 123 -13.13 -5.02 -2.42
N VAL A 124 -12.20 -4.07 -2.60
CA VAL A 124 -12.24 -2.83 -1.83
C VAL A 124 -13.37 -1.93 -2.33
N ALA A 125 -13.93 -1.13 -1.41
CA ALA A 125 -14.77 -0.01 -1.85
C ALA A 125 -14.24 1.23 -1.19
N ILE A 126 -14.13 2.31 -1.96
CA ILE A 126 -13.77 3.63 -1.44
C ILE A 126 -14.80 4.64 -1.93
N ASN A 127 -15.51 5.24 -0.98
CA ASN A 127 -16.62 6.13 -1.30
C ASN A 127 -16.25 7.60 -1.42
N ALA A 128 -17.28 8.39 -1.76
CA ALA A 128 -17.18 9.79 -2.20
C ALA A 128 -16.22 10.62 -1.38
N ASP A 129 -15.42 11.40 -2.11
CA ASP A 129 -14.61 12.49 -1.51
C ASP A 129 -13.56 12.04 -0.49
N SER A 130 -13.23 10.76 -0.53
CA SER A 130 -12.11 10.27 0.24
C SER A 130 -10.78 10.63 -0.43
N TRP A 131 -9.78 10.88 0.37
CA TRP A 131 -8.44 11.21 -0.17
C TRP A 131 -7.47 10.15 0.30
N ILE A 132 -6.67 9.63 -0.62
CA ILE A 132 -5.81 8.48 -0.32
C ILE A 132 -4.35 8.89 -0.63
N GLY A 133 -3.54 8.97 0.42
CA GLY A 133 -2.15 9.44 0.31
C GLY A 133 -1.25 8.53 -0.50
N ASP A 134 -0.16 9.10 -0.98
CA ASP A 134 0.82 8.27 -1.69
C ASP A 134 1.20 7.06 -0.84
N LEU A 135 1.40 5.91 -1.51
CA LEU A 135 1.98 4.73 -0.89
C LEU A 135 1.08 4.11 0.18
N ALA A 136 -0.18 4.52 0.24
CA ALA A 136 -1.12 3.81 1.08
C ALA A 136 -1.41 2.41 0.57
N ILE A 137 -1.78 1.51 1.47
CA ILE A 137 -2.28 0.18 1.10
C ILE A 137 -3.72 0.12 1.58
N ILE A 138 -4.64 -0.18 0.67
CA ILE A 138 -6.02 -0.44 1.05
C ILE A 138 -6.21 -1.92 0.70
N ASN A 139 -6.11 -2.78 1.70
CA ASN A 139 -5.97 -4.21 1.43
C ASN A 139 -7.31 -4.90 1.19
N THR A 140 -7.20 -6.20 0.97
CA THR A 140 -8.28 -7.02 0.35
C THR A 140 -9.58 -6.87 1.13
N GLY A 141 -10.65 -6.48 0.45
CA GLY A 141 -11.98 -6.35 1.06
C GLY A 141 -12.18 -5.16 1.97
N ALA A 142 -11.21 -4.26 2.09
CA ALA A 142 -11.38 -3.14 3.00
C ALA A 142 -12.38 -2.12 2.44
N VAL A 143 -13.06 -1.45 3.38
CA VAL A 143 -14.08 -0.46 3.04
C VAL A 143 -13.67 0.88 3.62
N VAL A 144 -13.76 1.90 2.79
CA VAL A 144 -13.47 3.27 3.19
C VAL A 144 -14.67 4.12 2.82
N ASP A 145 -15.43 4.53 3.84
CA ASP A 145 -16.62 5.30 3.52
C ASP A 145 -16.33 6.74 3.16
N ALA A 146 -17.38 7.53 2.95
CA ALA A 146 -17.18 8.88 2.40
C ALA A 146 -16.35 9.76 3.31
N ASP A 147 -15.64 10.68 2.68
CA ASP A 147 -14.95 11.78 3.37
C ASP A 147 -13.81 11.35 4.27
N CYS A 148 -13.19 10.21 3.95
CA CYS A 148 -12.06 9.82 4.79
C CYS A 148 -10.78 10.45 4.24
N ARG A 149 -9.79 10.51 5.12
CA ARG A 149 -8.48 11.04 4.75
C ARG A 149 -7.41 10.07 5.21
N LEU A 150 -6.71 9.46 4.26
CA LEU A 150 -5.74 8.41 4.55
C LEU A 150 -4.35 8.99 4.27
N GLY A 151 -3.54 9.12 5.32
CA GLY A 151 -2.21 9.69 5.13
C GLY A 151 -1.26 8.80 4.35
N ALA A 152 -0.16 9.42 3.93
CA ALA A 152 0.81 8.70 3.14
C ALA A 152 1.31 7.50 3.89
N ALA A 153 1.47 6.42 3.13
CA ALA A 153 2.06 5.17 3.61
C ALA A 153 1.33 4.54 4.80
N CYS A 154 0.06 4.85 5.00
CA CYS A 154 -0.72 4.03 5.95
C CYS A 154 -1.17 2.72 5.31
N HIS A 155 -1.75 1.84 6.13
CA HIS A 155 -2.13 0.49 5.69
C HIS A 155 -3.43 0.13 6.36
N LEU A 156 -4.49 0.00 5.53
CA LEU A 156 -5.76 -0.53 6.04
C LEU A 156 -5.75 -2.01 5.69
N GLY A 157 -5.65 -2.85 6.70
CA GLY A 157 -5.49 -4.29 6.49
C GLY A 157 -6.73 -4.92 5.85
N PRO A 158 -6.61 -6.21 5.51
CA PRO A 158 -7.75 -6.89 4.89
C PRO A 158 -8.99 -6.84 5.78
N ALA A 159 -10.12 -6.64 5.08
CA ALA A 159 -11.44 -6.69 5.71
C ALA A 159 -11.61 -5.62 6.79
N SER A 160 -10.78 -4.59 6.82
CA SER A 160 -10.98 -3.49 7.74
C SER A 160 -12.03 -2.53 7.18
N ALA A 161 -12.50 -1.63 8.03
CA ALA A 161 -13.55 -0.69 7.59
C ALA A 161 -13.47 0.61 8.36
N LEU A 162 -13.53 1.68 7.59
CA LEU A 162 -13.66 3.05 8.12
C LEU A 162 -15.03 3.58 7.81
N ALA A 163 -15.76 4.02 8.83
CA ALA A 163 -17.04 4.64 8.56
C ALA A 163 -16.75 6.11 8.11
N GLY A 164 -17.73 6.98 8.05
CA GLY A 164 -17.40 8.20 7.30
C GLY A 164 -16.46 9.13 8.06
N GLY A 165 -15.78 10.01 7.34
CA GLY A 165 -15.07 11.11 7.99
C GLY A 165 -13.93 10.74 8.91
N VAL A 166 -13.33 9.59 8.67
CA VAL A 166 -12.20 9.12 9.48
C VAL A 166 -10.88 9.58 8.87
N SER A 167 -9.97 10.05 9.70
CA SER A 167 -8.63 10.42 9.27
C SER A 167 -7.63 9.44 9.85
N VAL A 168 -6.72 8.92 9.02
CA VAL A 168 -5.70 7.95 9.41
C VAL A 168 -4.35 8.63 9.12
N GLY A 169 -3.54 8.76 10.15
CA GLY A 169 -2.23 9.37 10.02
C GLY A 169 -1.24 8.59 9.17
N GLU A 170 -0.17 9.27 8.79
CA GLU A 170 0.90 8.68 7.97
C GLU A 170 1.42 7.43 8.66
N ARG A 171 1.63 6.37 7.88
CA ARG A 171 2.22 5.12 8.38
C ARG A 171 1.44 4.39 9.46
N ALA A 172 0.22 4.85 9.75
CA ALA A 172 -0.65 4.04 10.62
C ALA A 172 -1.07 2.70 10.02
N PHE A 173 -1.29 1.72 10.88
CA PHE A 173 -1.61 0.38 10.42
C PHE A 173 -2.85 -0.11 11.14
N LEU A 174 -3.85 -0.55 10.39
CA LEU A 174 -5.04 -1.18 10.94
C LEU A 174 -5.05 -2.66 10.58
N GLY A 175 -5.02 -3.53 11.58
CA GLY A 175 -4.98 -4.98 11.36
C GLY A 175 -6.24 -5.54 10.72
N VAL A 176 -6.16 -6.82 10.34
CA VAL A 176 -7.31 -7.46 9.70
C VAL A 176 -8.60 -7.27 10.50
N GLY A 177 -9.63 -6.83 9.82
CA GLY A 177 -10.92 -6.66 10.45
C GLY A 177 -11.06 -5.53 11.45
N ALA A 178 -10.11 -4.61 11.51
CA ALA A 178 -10.28 -3.43 12.39
C ALA A 178 -11.45 -2.57 11.87
N ARG A 179 -12.08 -1.83 12.79
CA ARG A 179 -13.21 -0.97 12.43
C ARG A 179 -12.99 0.38 13.09
N VAL A 180 -13.41 1.44 12.42
CA VAL A 180 -13.34 2.79 12.99
C VAL A 180 -14.71 3.47 12.78
N ILE A 181 -15.26 4.03 13.85
CA ILE A 181 -16.59 4.67 13.76
C ILE A 181 -16.44 6.08 13.17
N PRO A 182 -17.55 6.73 12.78
CA PRO A 182 -17.41 7.99 12.04
C PRO A 182 -16.69 9.08 12.83
N GLY A 183 -15.92 9.84 12.07
CA GLY A 183 -15.34 11.09 12.55
C GLY A 183 -14.06 10.97 13.34
N VAL A 184 -13.60 9.75 13.58
CA VAL A 184 -12.45 9.50 14.41
C VAL A 184 -11.14 9.86 13.70
N THR A 185 -10.20 10.40 14.46
CA THR A 185 -8.85 10.61 13.91
C THR A 185 -7.87 9.68 14.59
N ILE A 186 -7.03 9.02 13.80
CA ILE A 186 -6.00 8.10 14.28
C ILE A 186 -4.64 8.70 13.93
N GLY A 187 -3.78 8.79 14.93
CA GLY A 187 -2.49 9.48 14.74
C GLY A 187 -1.55 8.73 13.81
N ALA A 188 -0.49 9.41 13.40
CA ALA A 188 0.58 8.78 12.64
C ALA A 188 1.29 7.68 13.39
N ASP A 189 1.72 6.63 12.67
CA ASP A 189 2.50 5.55 13.29
C ASP A 189 1.76 4.72 14.35
N THR A 190 0.44 4.81 14.38
CA THR A 190 -0.35 4.08 15.33
C THR A 190 -0.79 2.74 14.75
N ILE A 191 -0.84 1.73 15.61
CA ILE A 191 -1.25 0.38 15.20
C ILE A 191 -2.56 0.05 15.90
N VAL A 192 -3.58 -0.36 15.15
CA VAL A 192 -4.82 -0.92 15.66
C VAL A 192 -4.73 -2.44 15.45
N GLY A 193 -4.79 -3.21 16.52
CA GLY A 193 -4.79 -4.66 16.32
C GLY A 193 -5.95 -5.22 15.50
N ALA A 194 -5.72 -6.43 15.00
CA ALA A 194 -6.77 -7.14 14.31
C ALA A 194 -8.06 -7.10 15.13
N GLY A 195 -9.14 -6.81 14.44
CA GLY A 195 -10.46 -6.76 15.07
C GLY A 195 -10.71 -5.59 15.98
N GLY A 196 -9.75 -4.70 16.13
CA GLY A 196 -10.00 -3.60 17.09
C GLY A 196 -11.08 -2.67 16.56
N VAL A 197 -11.94 -2.18 17.46
CA VAL A 197 -13.03 -1.28 17.12
C VAL A 197 -12.75 0.07 17.78
N VAL A 198 -12.39 1.06 16.96
CA VAL A 198 -11.87 2.33 17.48
C VAL A 198 -13.06 3.30 17.61
N VAL A 199 -13.31 3.74 18.85
CA VAL A 199 -14.50 4.55 19.14
C VAL A 199 -14.13 5.94 19.69
N ARG A 200 -12.84 6.25 19.73
CA ARG A 200 -12.40 7.61 20.06
C ARG A 200 -11.07 7.85 19.37
N ASP A 201 -10.71 9.12 19.25
CA ASP A 201 -9.43 9.43 18.62
C ASP A 201 -8.26 8.74 19.29
N LEU A 202 -7.26 8.39 18.47
CA LEU A 202 -6.00 7.84 18.93
C LEU A 202 -4.88 8.80 18.58
N PRO A 203 -4.01 9.03 19.56
CA PRO A 203 -2.84 9.88 19.31
C PRO A 203 -1.82 9.16 18.41
N ASP A 204 -0.71 9.85 18.12
CA ASP A 204 0.38 9.20 17.39
C ASP A 204 1.07 8.09 18.16
N SER A 205 1.64 7.13 17.44
CA SER A 205 2.61 6.20 18.03
C SER A 205 2.07 5.38 19.21
N VAL A 206 0.84 4.91 19.15
CA VAL A 206 0.39 3.96 20.16
C VAL A 206 -0.14 2.67 19.49
N LEU A 207 -0.41 1.67 20.30
CA LEU A 207 -0.98 0.39 19.91
C LEU A 207 -2.31 0.30 20.62
N ALA A 208 -3.41 0.00 19.91
CA ALA A 208 -4.73 -0.10 20.52
C ALA A 208 -5.36 -1.40 20.06
N ILE A 209 -5.94 -2.14 21.00
CA ILE A 209 -6.55 -3.45 20.76
C ILE A 209 -7.84 -3.59 21.53
N GLY A 210 -8.77 -4.38 20.98
CA GLY A 210 -9.97 -4.77 21.69
C GLY A 210 -11.21 -4.17 21.07
N VAL A 211 -12.35 -4.63 21.59
CA VAL A 211 -13.67 -4.08 21.30
C VAL A 211 -14.26 -3.57 22.63
N PRO A 212 -14.25 -2.25 22.90
CA PRO A 212 -13.63 -1.17 22.10
C PRO A 212 -12.12 -1.18 22.20
N ALA A 213 -11.44 -0.54 21.26
CA ALA A 213 -9.98 -0.56 21.26
C ALA A 213 -9.48 0.29 22.42
N LYS A 214 -8.46 -0.24 23.08
CA LYS A 214 -7.88 0.49 24.21
C LYS A 214 -6.38 0.47 23.98
N ILE A 215 -5.74 1.58 24.33
CA ILE A 215 -4.30 1.70 24.19
C ILE A 215 -3.61 0.75 25.15
N LYS A 216 -2.60 0.04 24.67
CA LYS A 216 -1.83 -0.93 25.43
C LYS A 216 -0.46 -0.31 25.62
N GLY A 217 -0.08 -0.05 26.87
CA GLY A 217 1.28 0.44 27.17
C GLY A 217 2.34 -0.66 27.29
N ASP A 218 3.49 -0.36 27.89
CA ASP A 218 4.53 -1.38 28.02
C ASP A 218 4.25 -2.45 29.07
O6 JB2 B . 15.05 -2.56 1.41
C6 JB2 B . 14.54 -3.47 0.74
C5 JB2 B . 13.93 -4.57 1.33
N7 JB2 B . 13.67 -4.94 2.61
C8 JB2 B . 13.02 -6.13 2.51
N1 JB2 B . 14.65 -3.39 -0.61
C2 JB2 B . 14.15 -4.39 -1.37
N2 JB2 B . 14.28 -4.25 -2.71
N3 JB2 B . 13.51 -5.46 -0.87
C4 JB2 B . 13.43 -5.56 0.49
N9 JB2 B . 12.88 -6.52 1.24
C1' JB2 B . 12.24 -7.73 0.67
O4' JB2 B . 10.83 -7.61 0.79
C2' JB2 B . 12.59 -8.98 1.48
O2' JB2 B . 13.85 -9.54 1.07
C3' JB2 B . 11.38 -9.89 1.27
O3' JB2 B . 11.53 -10.73 0.13
C4' JB2 B . 10.24 -8.90 0.95
C5' JB2 B . 9.31 -8.73 2.15
O5' JB2 B . 8.63 -9.98 2.13
P JB2 B . 7.70 -10.46 3.37
O1P JB2 B . 6.83 -11.57 2.81
O2P JB2 B . 8.54 -10.73 4.60
OPP JB2 B . 6.75 -9.20 3.75
P2 JB2 B . 5.72 -8.41 2.77
O3P JB2 B . 6.14 -7.01 2.70
O4P JB2 B . 5.54 -9.05 1.43
O1G JB2 B . 4.31 -8.60 3.53
C1G JB2 B . 4.03 -8.01 4.78
O5G JB2 B . 3.08 -6.99 4.49
C5G JB2 B . 1.83 -7.42 3.95
C6G JB2 B . 1.04 -6.15 3.66
C2G JB2 B . 3.43 -9.03 5.74
O2G JB2 B . 3.30 -8.33 6.99
C3G JB2 B . 2.06 -9.55 5.28
O3G JB2 B . 1.46 -10.35 6.32
C4G JB2 B . 1.14 -8.40 4.89
N4A JB2 B . 0.02 -9.07 4.22
N1A COA C . -6.77 -8.16 19.89
C2A COA C . -6.87 -8.32 21.23
N3A COA C . -5.88 -8.91 21.92
C4A COA C . -4.77 -9.28 21.27
C5A COA C . -4.62 -9.10 19.91
C6A COA C . -5.65 -8.49 19.20
N6A COA C . -5.59 -8.25 17.85
N7A COA C . -3.40 -9.55 19.50
C8A COA C . -2.81 -10.01 20.64
N9A COA C . -3.62 -9.87 21.67
C1B COA C . -3.29 -10.24 23.08
C2B COA C . -2.70 -11.63 23.20
O2B COA C . -3.77 -12.53 23.49
C3B COA C . -1.65 -11.48 24.29
O3B COA C . -2.41 -11.48 25.50
P3B COA C . -1.91 -12.12 26.92
O7A COA C . -1.40 -10.89 27.64
O8A COA C . -0.91 -13.15 26.43
O9A COA C . -3.20 -12.69 27.48
C4B COA C . -1.10 -10.07 24.03
O4B COA C . -2.18 -9.38 23.38
C5B COA C . 0.16 -9.96 23.16
O5B COA C . 0.20 -10.98 22.16
P1A COA C . 1.37 -11.00 21.07
O1A COA C . 1.03 -11.91 19.90
O2A COA C . 2.66 -11.30 21.80
O3A COA C . 1.39 -9.42 20.71
P2A COA C . 2.37 -8.54 19.75
O4A COA C . 2.34 -7.26 20.57
O5A COA C . 3.55 -9.32 19.23
O6A COA C . 1.36 -8.20 18.52
CBP COA C . -0.72 -7.23 17.75
CCP COA C . 0.13 -7.64 18.96
CDP COA C . -1.97 -6.64 18.40
CEP COA C . -0.05 -6.16 16.90
CAP COA C . -1.12 -8.41 16.83
OAP COA C . -1.60 -9.60 17.47
C9P COA C . -2.11 -8.11 15.75
O9P COA C . -3.33 -8.00 15.93
N8P COA C . -1.58 -8.06 14.53
C7P COA C . -2.40 -7.79 13.35
C6P COA C . -1.55 -8.18 12.16
C5P COA C . -2.39 -8.16 10.90
O5P COA C . -3.61 -8.15 10.94
N4P COA C . -1.74 -8.19 9.75
C3P COA C . -2.35 -8.19 8.42
C2P COA C . -1.28 -7.77 7.42
S1P COA C . -1.97 -7.70 5.76
NA NA D . -16.64 -7.32 0.78
CL CL E . 3.83 -9.82 -16.18
#